data_3T2G
#
_entry.id   3T2G
#
_cell.length_a   112.430
_cell.length_b   112.430
_cell.length_c   151.520
_cell.angle_alpha   90.00
_cell.angle_beta   90.00
_cell.angle_gamma   90.00
#
_symmetry.space_group_name_H-M   'I 4 2 2'
#
loop_
_entity.id
_entity.type
_entity.pdbx_description
1 polymer 'Fructose-1,6-bisphosphate aldolase/phosphatase'
2 non-polymer 'MAGNESIUM ION'
3 non-polymer 1,3-DIHYDROXYACETONEPHOSPHATE
4 water water
#
_entity_poly.entity_id   1
_entity_poly.type   'polypeptide(L)'
_entity_poly.pdbx_seq_one_letter_code
;MRVTVSIIKADVGGFPGHAHVHPKMLEYAAAKLKEAQKRGVIIDYFVYNVGDDISLLMTHTKGEDNKDIHGLAWETFKEV
TDQIAKRFKLYGAGQDLLKDAFSGNIRGMGPQVAEMEFEERPSEPIIAFAADKTEPGAFNLPLYKMFADPFTTAGLVIDP
SMHEGFIFEVLDVVEHKVYLLKTPEDAYSLLGLIGTTGRYIIRKVFRRADGAPAAANSVERLSLIAGRFVGKDDPVLLVR
AQSGLPAVGEVLEAFAHPHLVHGWMRGSHAGPLMPARFISVDPERRIAIGPKMTRFDGPPKVGALGFQLHEGYLEGGVDL
FDDPAFDYVRQTAAQIADYIRRMGPFQPHRLPPEEMEYTALPKILAKVKPYPADQYEKDRKKYIEAVVKGAKVEESQHDL
EHHHHHH
;
_entity_poly.pdbx_strand_id   A
#
loop_
_chem_comp.id
_chem_comp.type
_chem_comp.name
_chem_comp.formula
13P non-polymer 1,3-DIHYDROXYACETONEPHOSPHATE 'C3 H7 O6 P'
MG non-polymer 'MAGNESIUM ION' 'Mg 2'
#
# COMPACT_ATOMS: atom_id res chain seq x y z
N MET A 1 10.60 7.51 25.78
CA MET A 1 10.42 6.04 25.68
C MET A 1 10.40 5.59 24.22
N ARG A 2 10.83 4.35 23.98
CA ARG A 2 10.78 3.72 22.69
C ARG A 2 9.39 3.16 22.45
N VAL A 3 8.66 3.72 21.50
CA VAL A 3 7.36 3.19 21.04
C VAL A 3 7.62 2.38 19.78
N THR A 4 6.68 1.48 19.47
CA THR A 4 6.66 0.83 18.18
C THR A 4 5.33 1.22 17.62
N VAL A 5 5.32 1.74 16.39
CA VAL A 5 4.06 2.00 15.68
C VAL A 5 3.93 0.92 14.62
N SER A 6 2.75 0.29 14.55
CA SER A 6 2.59 -0.94 13.78
C SER A 6 1.31 -0.90 13.05
N ILE A 7 1.37 -0.97 11.72
CA ILE A 7 0.16 -1.12 10.90
C ILE A 7 0.14 -2.52 10.38
N ILE A 8 -0.99 -3.19 10.53
CA ILE A 8 -1.19 -4.55 10.00
C ILE A 8 -2.53 -4.63 9.25
N LYS A 9 -2.45 -4.83 7.93
CA LYS A 9 -3.57 -4.62 7.02
C LYS A 9 -4.06 -5.91 6.38
N ALA A 10 -5.36 -6.06 6.18
CA ALA A 10 -5.87 -7.24 5.50
C ALA A 10 -7.23 -7.02 4.82
N ASP A 11 -7.43 -7.66 3.66
CA ASP A 11 -8.74 -7.70 3.05
C ASP A 11 -9.42 -8.99 3.55
N VAL A 12 -10.49 -8.87 4.32
CA VAL A 12 -11.18 -10.07 4.82
C VAL A 12 -12.64 -10.18 4.44
N GLY A 13 -13.09 -9.35 3.50
CA GLY A 13 -14.51 -9.35 3.13
C GLY A 13 -14.95 -8.04 2.52
N GLY A 14 -15.38 -8.09 1.26
CA GLY A 14 -15.79 -6.90 0.53
C GLY A 14 -17.31 -6.76 0.45
N PHE A 15 -17.76 -5.52 0.36
CA PHE A 15 -19.16 -5.18 0.54
C PHE A 15 -19.60 -3.95 -0.31
N PRO A 16 -20.09 -4.19 -1.53
CA PRO A 16 -20.19 -5.47 -2.20
C PRO A 16 -18.94 -5.78 -3.06
N GLY A 17 -18.77 -7.03 -3.46
CA GLY A 17 -17.58 -7.41 -4.23
C GLY A 17 -16.32 -6.83 -3.62
N HIS A 18 -15.71 -5.87 -4.30
CA HIS A 18 -14.39 -5.36 -3.91
C HIS A 18 -14.40 -3.84 -3.62
N ALA A 19 -15.61 -3.32 -3.45
CA ALA A 19 -15.82 -1.88 -3.43
C ALA A 19 -15.50 -1.18 -2.13
N HIS A 20 -15.79 -1.83 -1.01
CA HIS A 20 -15.67 -1.21 0.31
C HIS A 20 -15.60 -2.36 1.31
N VAL A 21 -15.45 -1.99 2.59
CA VAL A 21 -15.72 -2.89 3.72
C VAL A 21 -17.11 -2.61 4.30
N HIS A 22 -17.67 -3.62 4.98
CA HIS A 22 -18.83 -3.46 5.84
C HIS A 22 -18.39 -2.72 7.13
N PRO A 23 -19.20 -1.75 7.63
CA PRO A 23 -18.79 -1.01 8.83
C PRO A 23 -18.71 -1.80 10.16
N LYS A 24 -19.51 -2.84 10.33
CA LYS A 24 -19.40 -3.66 11.53
C LYS A 24 -18.03 -4.35 11.56
N MET A 25 -17.44 -4.58 10.40
CA MET A 25 -16.07 -5.06 10.37
C MET A 25 -15.17 -4.11 11.20
N LEU A 26 -15.29 -2.81 10.91
CA LEU A 26 -14.51 -1.81 11.61
C LEU A 26 -14.88 -1.75 13.07
N GLU A 27 -16.17 -1.64 13.34
CA GLU A 27 -16.71 -1.62 14.71
C GLU A 27 -16.20 -2.78 15.59
N TYR A 28 -16.25 -3.99 15.05
CA TYR A 28 -15.81 -5.19 15.74
C TYR A 28 -14.29 -5.22 15.98
N ALA A 29 -13.48 -4.81 15.00
CA ALA A 29 -12.04 -4.71 15.19
C ALA A 29 -11.66 -3.64 16.22
N ALA A 30 -12.37 -2.53 16.23
CA ALA A 30 -12.11 -1.48 17.22
C ALA A 30 -12.43 -2.01 18.64
N ALA A 31 -13.55 -2.75 18.74
CA ALA A 31 -14.03 -3.28 20.02
C ALA A 31 -13.02 -4.27 20.56
N LYS A 32 -12.38 -4.98 19.65
CA LYS A 32 -11.48 -6.05 20.03
C LYS A 32 -10.12 -5.50 20.52
N LEU A 33 -9.63 -4.45 19.86
CA LEU A 33 -8.34 -3.82 20.19
C LEU A 33 -8.46 -3.00 21.44
N LYS A 34 -9.68 -2.57 21.73
CA LYS A 34 -10.00 -1.94 22.99
C LYS A 34 -9.89 -2.89 24.19
N GLU A 35 -10.19 -4.18 23.99
CA GLU A 35 -9.88 -5.17 25.02
C GLU A 35 -8.38 -5.25 25.23
N ALA A 36 -7.63 -5.42 24.15
CA ALA A 36 -6.20 -5.60 24.23
C ALA A 36 -5.54 -4.36 24.85
N GLN A 37 -6.15 -3.19 24.65
CA GLN A 37 -5.66 -1.97 25.26
C GLN A 37 -5.85 -2.07 26.78
N LYS A 38 -7.10 -2.31 27.18
CA LYS A 38 -7.50 -2.56 28.57
C LYS A 38 -6.58 -3.57 29.25
N ARG A 39 -6.31 -4.70 28.59
CA ARG A 39 -5.40 -5.74 29.08
C ARG A 39 -3.92 -5.38 29.08
N GLY A 40 -3.55 -4.21 28.58
CA GLY A 40 -2.15 -3.79 28.55
C GLY A 40 -1.35 -4.29 27.36
N VAL A 41 -1.97 -5.11 26.52
CA VAL A 41 -1.30 -5.64 25.31
C VAL A 41 -0.71 -4.53 24.42
N ILE A 42 -1.48 -3.46 24.21
CA ILE A 42 -1.11 -2.32 23.37
C ILE A 42 -1.47 -1.00 24.05
N ILE A 43 -0.70 0.05 23.77
CA ILE A 43 -0.97 1.36 24.30
C ILE A 43 -2.16 2.09 23.67
N ASP A 44 -2.20 2.20 22.34
CA ASP A 44 -3.32 2.82 21.62
C ASP A 44 -3.48 2.15 20.28
N TYR A 45 -4.56 2.47 19.58
CA TYR A 45 -4.88 1.85 18.32
C TYR A 45 -5.70 2.84 17.50
N PHE A 46 -5.90 2.51 16.22
CA PHE A 46 -6.86 3.19 15.36
C PHE A 46 -7.17 2.24 14.22
N VAL A 47 -8.44 2.19 13.84
CA VAL A 47 -8.96 1.20 12.90
C VAL A 47 -9.65 1.92 11.74
N TYR A 48 -9.18 1.71 10.52
CA TYR A 48 -9.78 2.38 9.37
C TYR A 48 -9.71 1.48 8.15
N ASN A 49 -10.41 1.84 7.08
CA ASN A 49 -10.21 1.18 5.79
C ASN A 49 -9.96 2.14 4.60
N VAL A 50 -9.31 1.65 3.55
CA VAL A 50 -9.40 2.28 2.23
C VAL A 50 -9.83 1.22 1.24
N GLY A 51 -10.90 1.49 0.49
CA GLY A 51 -11.48 0.45 -0.35
C GLY A 51 -11.85 -0.72 0.56
N ASP A 52 -11.27 -1.88 0.30
CA ASP A 52 -11.72 -3.08 0.99
C ASP A 52 -10.65 -3.69 1.91
N ASP A 53 -9.65 -2.89 2.25
CA ASP A 53 -8.58 -3.36 3.13
C ASP A 53 -8.70 -2.71 4.48
N ILE A 54 -8.71 -3.54 5.52
CA ILE A 54 -8.80 -3.02 6.87
C ILE A 54 -7.41 -2.81 7.40
N SER A 55 -7.16 -1.62 7.98
CA SER A 55 -5.88 -1.33 8.62
C SER A 55 -6.01 -1.26 10.15
N LEU A 56 -5.16 -2.00 10.84
CA LEU A 56 -5.15 -1.91 12.27
C LEU A 56 -3.87 -1.19 12.63
N LEU A 57 -3.98 0.09 12.99
CA LEU A 57 -2.83 0.86 13.43
C LEU A 57 -2.78 0.68 14.93
N MET A 58 -1.64 0.22 15.45
CA MET A 58 -1.47 -0.03 16.87
C MET A 58 -0.14 0.52 17.40
N THR A 59 -0.19 1.18 18.56
CA THR A 59 1.03 1.56 19.29
C THR A 59 1.24 0.59 20.46
N HIS A 60 2.48 0.40 20.87
CA HIS A 60 2.83 -0.64 21.82
C HIS A 60 4.34 -0.62 22.10
N THR A 61 4.82 -1.46 23.02
CA THR A 61 6.25 -1.43 23.39
C THR A 61 6.98 -2.78 23.23
N LYS A 62 6.39 -3.66 22.43
CA LYS A 62 6.98 -4.97 22.21
C LYS A 62 7.98 -5.01 21.02
N GLY A 63 8.24 -3.84 20.43
CA GLY A 63 9.13 -3.74 19.27
C GLY A 63 8.61 -4.40 18.01
N GLU A 64 9.40 -4.31 16.94
CA GLU A 64 9.10 -4.91 15.62
C GLU A 64 9.07 -6.44 15.62
N ASP A 65 8.27 -7.02 14.72
CA ASP A 65 8.22 -8.47 14.50
C ASP A 65 7.73 -9.29 15.67
N ASN A 66 7.04 -8.62 16.57
CA ASN A 66 6.58 -9.24 17.79
C ASN A 66 5.42 -10.21 17.58
N LYS A 67 5.46 -11.35 18.27
CA LYS A 67 4.50 -12.36 17.95
C LYS A 67 3.14 -12.15 18.61
N ASP A 68 3.10 -11.29 19.62
CA ASP A 68 1.84 -11.00 20.33
C ASP A 68 1.09 -9.89 19.65
N ILE A 69 1.83 -8.96 19.05
CA ILE A 69 1.19 -7.89 18.28
C ILE A 69 0.70 -8.44 16.94
N HIS A 70 1.57 -9.20 16.27
CA HIS A 70 1.22 -9.91 15.04
C HIS A 70 0.11 -10.94 15.27
N GLY A 71 0.16 -11.57 16.45
CA GLY A 71 -0.87 -12.50 16.88
C GLY A 71 -2.19 -11.81 17.08
N LEU A 72 -2.15 -10.70 17.82
CA LEU A 72 -3.36 -9.96 18.12
C LEU A 72 -4.04 -9.56 16.84
N ALA A 73 -3.28 -9.19 15.82
CA ALA A 73 -3.86 -8.68 14.59
C ALA A 73 -4.45 -9.82 13.77
N TRP A 74 -3.72 -10.94 13.77
CA TRP A 74 -4.21 -12.17 13.15
C TRP A 74 -5.54 -12.56 13.77
N GLU A 75 -5.54 -12.77 15.09
CA GLU A 75 -6.70 -13.18 15.86
C GLU A 75 -7.89 -12.31 15.51
N THR A 76 -7.66 -11.00 15.62
CA THR A 76 -8.69 -10.00 15.36
C THR A 76 -9.20 -9.95 13.89
N PHE A 77 -8.35 -10.34 12.93
CA PHE A 77 -8.81 -10.56 11.53
C PHE A 77 -9.65 -11.83 11.37
N LYS A 78 -9.16 -12.94 11.93
CA LYS A 78 -9.91 -14.23 11.98
C LYS A 78 -11.33 -14.02 12.53
N GLU A 79 -11.44 -13.27 13.62
CA GLU A 79 -12.73 -13.06 14.27
C GLU A 79 -13.71 -12.21 13.45
N VAL A 80 -13.22 -11.21 12.72
CA VAL A 80 -14.07 -10.43 11.80
C VAL A 80 -14.59 -11.35 10.68
N THR A 81 -13.70 -12.21 10.17
CA THR A 81 -14.01 -13.18 9.12
C THR A 81 -15.11 -14.17 9.52
N ASP A 82 -14.99 -14.77 10.70
CA ASP A 82 -15.99 -15.75 11.19
C ASP A 82 -17.28 -15.07 11.68
N GLN A 83 -17.13 -13.98 12.43
CA GLN A 83 -18.28 -13.29 13.05
C GLN A 83 -19.07 -12.37 12.13
N ILE A 84 -18.44 -11.92 11.03
CA ILE A 84 -19.07 -10.93 10.13
C ILE A 84 -19.00 -11.26 8.62
N ALA A 85 -17.80 -11.46 8.08
CA ALA A 85 -17.65 -11.70 6.66
C ALA A 85 -18.40 -12.96 6.25
N LYS A 86 -18.11 -14.07 6.92
CA LYS A 86 -18.85 -15.35 6.79
C LYS A 86 -20.33 -15.27 7.17
N ARG A 87 -20.63 -14.55 8.24
CA ARG A 87 -21.99 -14.26 8.64
C ARG A 87 -22.77 -13.61 7.49
N PHE A 88 -22.36 -12.42 7.07
CA PHE A 88 -22.96 -11.68 5.95
C PHE A 88 -22.68 -12.17 4.51
N LYS A 89 -21.97 -13.29 4.40
CA LYS A 89 -21.56 -13.84 3.10
C LYS A 89 -20.87 -12.81 2.18
N LEU A 90 -20.06 -11.94 2.80
CA LEU A 90 -19.30 -10.91 2.12
C LEU A 90 -18.33 -11.47 1.07
N TYR A 91 -17.97 -10.64 0.10
CA TYR A 91 -17.21 -11.11 -1.05
C TYR A 91 -15.72 -11.21 -0.80
N GLY A 92 -15.19 -12.40 -1.06
CA GLY A 92 -13.79 -12.74 -0.79
C GLY A 92 -13.56 -12.68 0.70
N ALA A 93 -14.52 -13.21 1.47
CA ALA A 93 -14.41 -13.31 2.92
C ALA A 93 -13.18 -14.13 3.27
N GLY A 94 -12.34 -13.59 4.14
CA GLY A 94 -11.16 -14.28 4.61
C GLY A 94 -10.10 -14.30 3.54
N GLN A 95 -10.18 -13.34 2.64
CA GLN A 95 -9.34 -13.36 1.42
C GLN A 95 -7.85 -13.46 1.74
N ASP A 96 -7.35 -12.53 2.54
CA ASP A 96 -5.92 -12.41 2.83
C ASP A 96 -5.41 -13.40 3.88
N LEU A 97 -6.29 -14.21 4.47
CA LEU A 97 -5.84 -15.16 5.48
C LEU A 97 -5.47 -16.47 4.82
N LEU A 98 -4.42 -16.40 3.98
CA LEU A 98 -4.01 -17.46 3.03
C LEU A 98 -3.48 -18.73 3.69
N LYS A 99 -2.33 -18.62 4.37
CA LYS A 99 -1.85 -19.67 5.26
C LYS A 99 -2.96 -19.95 6.29
N ASP A 100 -2.80 -21.00 7.08
CA ASP A 100 -3.90 -21.50 7.88
C ASP A 100 -3.49 -21.63 9.35
N ALA A 101 -2.23 -22.03 9.56
CA ALA A 101 -1.64 -22.27 10.87
C ALA A 101 -1.44 -20.96 11.68
N PHE A 102 -0.21 -20.45 11.66
CA PHE A 102 0.27 -19.24 12.38
C PHE A 102 1.48 -19.56 13.26
N SER A 103 2.65 -19.67 12.62
CA SER A 103 3.91 -19.87 13.34
C SER A 103 4.08 -18.81 14.45
N GLY A 104 4.64 -17.66 14.13
CA GLY A 104 4.74 -16.59 15.11
C GLY A 104 4.62 -15.25 14.43
N ASN A 105 5.17 -15.17 13.23
CA ASN A 105 5.21 -13.94 12.45
C ASN A 105 4.09 -13.92 11.42
N ILE A 106 3.44 -12.76 11.27
CA ILE A 106 2.31 -12.60 10.30
C ILE A 106 2.73 -12.40 8.84
N ARG A 107 3.99 -12.00 8.61
CA ARG A 107 4.50 -11.67 7.29
C ARG A 107 4.66 -12.93 6.43
N GLY A 108 4.13 -12.85 5.21
CA GLY A 108 4.13 -13.98 4.28
C GLY A 108 2.99 -14.94 4.58
N MET A 109 2.00 -14.44 5.33
CA MET A 109 0.74 -15.16 5.60
C MET A 109 -0.46 -14.51 4.90
N GLY A 110 -0.21 -13.37 4.24
CA GLY A 110 -1.24 -12.64 3.53
C GLY A 110 -1.47 -11.18 3.90
N PRO A 111 -1.55 -10.86 5.20
CA PRO A 111 -1.71 -9.45 5.54
C PRO A 111 -0.42 -8.68 5.35
N GLN A 112 -0.53 -7.35 5.30
CA GLN A 112 0.60 -6.47 5.08
C GLN A 112 0.98 -5.77 6.38
N VAL A 113 2.28 -5.58 6.60
CA VAL A 113 2.75 -4.97 7.86
C VAL A 113 3.86 -3.95 7.64
N ALA A 114 3.63 -2.75 8.16
CA ALA A 114 4.72 -1.80 8.28
C ALA A 114 4.80 -1.37 9.75
N GLU A 115 5.99 -1.49 10.34
CA GLU A 115 6.24 -1.09 11.70
C GLU A 115 7.53 -0.31 11.83
N MET A 116 7.60 0.52 12.85
CA MET A 116 8.84 1.24 13.20
C MET A 116 8.90 1.36 14.69
N GLU A 117 10.10 1.14 15.20
CA GLU A 117 10.34 1.25 16.60
C GLU A 117 11.35 2.38 16.74
N PHE A 118 10.98 3.44 17.40
CA PHE A 118 11.91 4.54 17.58
C PHE A 118 11.75 5.07 19.01
N GLU A 119 12.72 5.88 19.46
CA GLU A 119 12.58 6.66 20.69
C GLU A 119 11.65 7.82 20.36
N GLU A 120 10.56 7.97 21.11
CA GLU A 120 9.57 9.04 20.85
C GLU A 120 10.22 10.42 21.01
N ARG A 121 9.89 11.37 20.14
CA ARG A 121 10.58 12.68 20.15
C ARG A 121 9.87 13.73 21.02
N PRO A 122 10.43 14.95 21.15
CA PRO A 122 9.67 15.98 21.87
C PRO A 122 8.29 16.18 21.23
N SER A 123 8.25 16.41 19.92
CA SER A 123 7.02 16.23 19.19
C SER A 123 7.23 15.14 18.13
N GLU A 124 6.23 14.29 17.96
CA GLU A 124 6.38 13.10 17.14
C GLU A 124 5.19 12.96 16.22
N PRO A 125 5.15 13.73 15.13
CA PRO A 125 4.08 13.57 14.15
C PRO A 125 4.40 12.45 13.15
N ILE A 126 3.47 11.52 12.96
CA ILE A 126 3.63 10.44 11.96
C ILE A 126 2.46 10.54 11.00
N ILE A 127 2.65 10.08 9.76
CA ILE A 127 1.50 9.96 8.83
C ILE A 127 1.26 8.49 8.55
N ALA A 128 0.01 8.09 8.44
CA ALA A 128 -0.24 6.71 8.17
C ALA A 128 -1.05 6.58 6.91
N PHE A 129 -0.53 5.82 5.93
CA PHE A 129 -1.15 5.70 4.61
C PHE A 129 -1.67 4.32 4.35
N ALA A 130 -2.72 4.23 3.53
CA ALA A 130 -3.22 2.95 3.04
C ALA A 130 -3.75 3.14 1.65
N ALA A 131 -3.31 2.28 0.72
CA ALA A 131 -3.80 2.30 -0.66
C ALA A 131 -4.59 1.08 -0.95
N ASP A 132 -5.59 1.20 -1.81
CA ASP A 132 -6.36 0.03 -2.25
C ASP A 132 -6.25 -0.09 -3.75
N LYS A 133 -6.35 -1.33 -4.25
CA LYS A 133 -6.43 -1.59 -5.68
C LYS A 133 -5.11 -1.35 -6.39
N THR A 134 -4.02 -1.36 -5.65
CA THR A 134 -2.69 -1.24 -6.19
C THR A 134 -1.75 -2.23 -5.50
N GLU A 135 -0.44 -2.04 -5.65
CA GLU A 135 0.60 -2.93 -5.14
C GLU A 135 1.64 -2.04 -4.41
N PRO A 136 2.52 -2.62 -3.57
CA PRO A 136 3.44 -1.81 -2.74
C PRO A 136 4.39 -0.87 -3.50
N GLY A 137 4.73 -1.24 -4.75
CA GLY A 137 5.54 -0.39 -5.64
C GLY A 137 4.89 0.95 -5.98
N ALA A 138 3.59 1.06 -5.68
CA ALA A 138 2.86 2.30 -5.91
C ALA A 138 3.39 3.44 -5.10
N PHE A 139 3.94 3.13 -3.93
CA PHE A 139 4.56 4.15 -3.11
C PHE A 139 6.04 4.40 -3.46
N ASN A 140 6.61 3.60 -4.34
CA ASN A 140 8.01 3.81 -4.71
C ASN A 140 8.28 5.27 -5.14
N LEU A 141 7.37 5.86 -5.91
CA LEU A 141 7.55 7.23 -6.39
C LEU A 141 7.31 8.32 -5.31
N PRO A 142 6.16 8.27 -4.61
CA PRO A 142 6.05 9.17 -3.45
C PRO A 142 7.20 9.03 -2.44
N LEU A 143 7.67 7.80 -2.22
CA LEU A 143 8.80 7.59 -1.31
C LEU A 143 10.07 8.22 -1.83
N TYR A 144 10.45 7.90 -3.07
CA TYR A 144 11.58 8.58 -3.70
C TYR A 144 11.44 10.09 -3.58
N LYS A 145 10.37 10.64 -4.11
CA LYS A 145 10.19 12.09 -4.08
C LYS A 145 10.43 12.72 -2.71
N MET A 146 9.73 12.26 -1.66
CA MET A 146 9.74 12.96 -0.35
C MET A 146 11.08 12.94 0.39
N PHE A 147 11.95 11.97 0.05
CA PHE A 147 13.26 11.81 0.69
C PHE A 147 14.43 12.12 -0.24
N ALA A 148 14.18 12.35 -1.52
CA ALA A 148 15.29 12.42 -2.47
C ALA A 148 15.15 13.48 -3.54
N ASP A 149 13.90 13.89 -3.82
CA ASP A 149 13.63 14.91 -4.83
C ASP A 149 13.53 16.33 -4.28
N PRO A 150 14.42 17.22 -4.75
CA PRO A 150 14.58 18.59 -4.25
C PRO A 150 13.44 19.48 -4.64
N PHE A 151 12.77 19.12 -5.74
CA PHE A 151 11.55 19.78 -6.21
C PHE A 151 10.32 19.48 -5.34
N THR A 152 10.35 18.34 -4.64
CA THR A 152 9.28 18.02 -3.69
C THR A 152 9.61 18.49 -2.27
N THR A 153 10.78 18.11 -1.79
CA THR A 153 11.15 18.38 -0.41
C THR A 153 12.17 19.49 -0.37
N ALA A 154 11.71 20.72 -0.20
CA ALA A 154 12.59 21.87 -0.04
C ALA A 154 13.62 21.65 1.08
N GLY A 155 13.23 20.99 2.17
CA GLY A 155 14.14 20.68 3.27
C GLY A 155 15.50 20.12 2.86
N LEU A 156 15.54 19.38 1.75
CA LEU A 156 16.78 18.85 1.19
C LEU A 156 17.76 19.97 0.82
N VAL A 157 17.21 21.09 0.32
CA VAL A 157 18.03 22.21 -0.12
C VAL A 157 18.31 23.20 1.02
N ILE A 158 17.28 23.51 1.82
CA ILE A 158 17.33 24.61 2.79
C ILE A 158 17.39 24.24 4.29
N ASP A 159 17.28 22.96 4.62
CA ASP A 159 17.41 22.52 6.01
C ASP A 159 18.70 21.75 6.13
N PRO A 160 19.61 22.25 6.99
CA PRO A 160 20.94 21.66 7.24
C PRO A 160 20.97 20.18 7.58
N SER A 161 20.01 19.73 8.37
CA SER A 161 19.99 18.35 8.86
C SER A 161 19.67 17.32 7.76
N MET A 162 18.84 17.70 6.79
CA MET A 162 18.46 16.81 5.70
C MET A 162 19.47 16.84 4.56
N HIS A 163 20.23 17.93 4.46
CA HIS A 163 21.26 18.11 3.45
C HIS A 163 22.10 16.86 3.15
N GLU A 164 22.28 16.00 4.15
CA GLU A 164 23.07 14.79 3.95
C GLU A 164 22.28 13.62 3.37
N GLY A 165 20.97 13.73 3.30
CA GLY A 165 20.22 12.71 2.62
C GLY A 165 19.95 11.47 3.43
N PHE A 166 19.45 10.44 2.74
CA PHE A 166 18.76 9.32 3.37
C PHE A 166 19.26 7.98 2.84
N ILE A 167 19.00 6.91 3.58
CA ILE A 167 19.39 5.56 3.16
C ILE A 167 18.16 4.83 2.72
N PHE A 168 18.19 4.20 1.55
CA PHE A 168 17.01 3.53 1.04
C PHE A 168 17.18 2.04 1.13
N GLU A 169 16.28 1.36 1.81
CA GLU A 169 16.40 -0.08 1.90
C GLU A 169 15.48 -0.71 0.89
N VAL A 170 16.06 -1.25 -0.17
CA VAL A 170 15.28 -1.77 -1.31
C VAL A 170 15.23 -3.28 -1.33
N LEU A 171 14.02 -3.84 -1.27
CA LEU A 171 13.86 -5.27 -1.37
C LEU A 171 13.61 -5.70 -2.81
N ASP A 172 14.40 -6.66 -3.28
CA ASP A 172 14.14 -7.35 -4.53
C ASP A 172 13.20 -8.51 -4.16
N VAL A 173 11.91 -8.29 -4.33
CA VAL A 173 10.93 -9.29 -3.98
C VAL A 173 10.99 -10.59 -4.82
N VAL A 174 11.62 -10.52 -6.01
CA VAL A 174 11.69 -11.67 -6.91
C VAL A 174 12.82 -12.62 -6.50
N GLU A 175 14.00 -12.10 -6.20
CA GLU A 175 15.11 -12.98 -5.80
C GLU A 175 15.49 -12.92 -4.30
N HIS A 176 14.59 -12.41 -3.46
CA HIS A 176 14.82 -12.22 -2.00
C HIS A 176 16.20 -11.62 -1.69
N LYS A 177 16.46 -10.41 -2.21
CA LYS A 177 17.72 -9.69 -1.96
C LYS A 177 17.45 -8.26 -1.54
N VAL A 178 18.29 -7.69 -0.67
CA VAL A 178 18.15 -6.28 -0.23
C VAL A 178 19.27 -5.37 -0.74
N TYR A 179 18.94 -4.17 -1.19
CA TYR A 179 19.97 -3.25 -1.62
C TYR A 179 19.93 -2.05 -0.70
N LEU A 180 21.06 -1.65 -0.17
CA LEU A 180 21.10 -0.37 0.50
C LEU A 180 21.66 0.65 -0.45
N LEU A 181 20.88 1.71 -0.68
CA LEU A 181 21.28 2.80 -1.54
C LEU A 181 21.13 4.10 -0.75
N LYS A 182 22.00 5.06 -1.00
CA LYS A 182 22.01 6.30 -0.24
C LYS A 182 22.00 7.55 -1.12
N THR A 183 20.96 8.36 -1.02
CA THR A 183 20.87 9.63 -1.73
C THR A 183 21.55 10.78 -0.98
N PRO A 184 22.09 11.80 -1.73
CA PRO A 184 22.05 12.00 -3.18
C PRO A 184 22.90 11.08 -4.10
N GLU A 185 24.15 10.78 -3.75
CA GLU A 185 25.10 10.14 -4.73
C GLU A 185 24.54 8.98 -5.56
N ASP A 186 23.77 8.09 -4.93
CA ASP A 186 23.22 6.87 -5.56
C ASP A 186 21.82 7.05 -6.19
N ALA A 187 21.40 8.32 -6.39
CA ALA A 187 20.04 8.57 -6.87
C ALA A 187 19.78 7.83 -8.15
N TYR A 188 20.62 8.03 -9.17
CA TYR A 188 20.40 7.39 -10.46
C TYR A 188 20.31 5.87 -10.43
N SER A 189 21.02 5.23 -9.51
CA SER A 189 20.97 3.77 -9.39
C SER A 189 19.70 3.31 -8.64
N LEU A 190 19.35 4.03 -7.58
CA LEU A 190 18.09 3.85 -6.87
C LEU A 190 16.92 3.85 -7.85
N LEU A 191 16.89 4.86 -8.71
CA LEU A 191 15.90 5.00 -9.76
C LEU A 191 15.97 3.86 -10.79
N GLY A 192 17.18 3.47 -11.15
CA GLY A 192 17.39 2.37 -12.05
C GLY A 192 16.63 1.15 -11.57
N LEU A 193 16.65 0.96 -10.26
CA LEU A 193 15.97 -0.16 -9.63
C LEU A 193 14.50 0.12 -9.40
N ILE A 194 14.19 1.06 -8.52
CA ILE A 194 12.81 1.26 -8.02
C ILE A 194 11.78 1.63 -9.10
N GLY A 195 12.25 2.12 -10.25
CA GLY A 195 11.38 2.46 -11.35
C GLY A 195 10.71 1.24 -11.95
N THR A 196 11.28 0.07 -11.67
CA THR A 196 10.68 -1.23 -11.96
C THR A 196 9.89 -1.62 -10.70
N THR A 197 8.69 -1.04 -10.58
CA THR A 197 7.93 -1.04 -9.33
C THR A 197 7.36 -2.42 -8.97
N GLY A 198 7.38 -3.33 -9.93
CA GLY A 198 6.82 -4.63 -9.66
C GLY A 198 7.75 -5.54 -8.91
N ARG A 199 9.02 -5.12 -8.75
CA ARG A 199 10.11 -6.02 -8.32
C ARG A 199 11.11 -5.43 -7.30
N TYR A 200 11.46 -4.15 -7.45
CA TYR A 200 12.35 -3.47 -6.50
C TYR A 200 11.58 -2.47 -5.66
N ILE A 201 11.29 -2.84 -4.42
CA ILE A 201 10.32 -2.08 -3.63
C ILE A 201 10.91 -1.48 -2.36
N ILE A 202 10.81 -0.16 -2.24
CA ILE A 202 11.33 0.54 -1.08
C ILE A 202 10.54 0.07 0.16
N ARG A 203 11.27 -0.57 1.06
CA ARG A 203 10.71 -1.21 2.22
C ARG A 203 10.88 -0.32 3.41
N LYS A 204 12.04 0.32 3.51
CA LYS A 204 12.36 1.22 4.62
C LYS A 204 13.27 2.37 4.20
N VAL A 205 13.06 3.52 4.81
CA VAL A 205 13.97 4.62 4.67
C VAL A 205 14.52 5.03 6.05
N PHE A 206 15.81 5.39 6.08
CA PHE A 206 16.52 5.78 7.29
C PHE A 206 17.24 7.10 7.06
N ARG A 207 17.24 7.94 8.09
CA ARG A 207 17.92 9.21 8.00
C ARG A 207 19.38 8.84 8.07
N ARG A 208 20.18 9.52 7.26
CA ARG A 208 21.59 9.21 7.11
C ARG A 208 22.46 9.87 8.18
N ALA A 209 22.09 11.06 8.61
CA ALA A 209 22.83 11.76 9.65
C ALA A 209 22.99 10.91 10.93
N ASP A 210 21.88 10.43 11.50
CA ASP A 210 21.93 9.72 12.76
C ASP A 210 21.46 8.26 12.69
N GLY A 211 20.95 7.84 11.53
CA GLY A 211 20.45 6.47 11.36
C GLY A 211 18.97 6.32 11.68
N ALA A 212 18.35 7.37 12.21
CA ALA A 212 16.95 7.37 12.63
C ALA A 212 16.04 6.72 11.60
N PRO A 213 15.05 5.92 12.04
CA PRO A 213 14.11 5.47 10.98
C PRO A 213 13.11 6.57 10.53
N ALA A 214 12.81 6.60 9.23
CA ALA A 214 11.99 7.66 8.68
C ALA A 214 10.67 7.13 8.14
N ALA A 215 10.71 5.98 7.47
CA ALA A 215 9.51 5.43 6.86
C ALA A 215 9.64 3.92 6.72
N ALA A 216 8.52 3.23 6.79
CA ALA A 216 8.52 1.80 6.49
C ALA A 216 7.31 1.47 5.66
N ASN A 217 7.54 0.88 4.49
CA ASN A 217 6.48 0.53 3.55
C ASN A 217 6.24 -0.98 3.66
N SER A 218 5.00 -1.42 3.37
CA SER A 218 4.63 -2.83 3.54
C SER A 218 4.90 -3.74 2.32
N VAL A 219 5.91 -4.60 2.43
CA VAL A 219 6.38 -5.42 1.29
C VAL A 219 7.04 -6.74 1.75
N GLU A 220 6.69 -7.86 1.10
CA GLU A 220 7.35 -9.17 1.36
C GLU A 220 7.73 -9.89 0.07
N ARG A 221 8.79 -10.70 0.12
CA ARG A 221 9.22 -11.52 -1.02
C ARG A 221 8.06 -12.36 -1.55
N LEU A 222 7.98 -12.52 -2.87
CA LEU A 222 6.93 -13.31 -3.52
C LEU A 222 6.83 -14.79 -3.09
N SER A 223 5.63 -15.34 -3.28
CA SER A 223 5.36 -16.79 -3.26
C SER A 223 4.03 -17.12 -3.92
N VAL A 230 2.37 -15.82 -1.21
CA VAL A 230 1.80 -14.51 -0.87
C VAL A 230 2.19 -13.44 -1.90
N GLY A 231 3.24 -12.69 -1.58
CA GLY A 231 3.58 -11.48 -2.30
C GLY A 231 3.08 -10.25 -1.58
N LYS A 232 2.04 -9.62 -2.15
CA LYS A 232 1.71 -8.25 -1.76
C LYS A 232 0.59 -7.55 -2.59
N ASP A 233 -0.54 -7.32 -1.97
CA ASP A 233 -1.49 -6.43 -2.58
C ASP A 233 -1.67 -5.27 -1.63
N ASP A 234 -2.36 -4.25 -2.11
CA ASP A 234 -2.75 -3.05 -1.39
C ASP A 234 -1.90 -2.78 -0.14
N PRO A 235 -0.82 -2.01 -0.29
CA PRO A 235 0.14 -1.74 0.80
C PRO A 235 -0.32 -0.69 1.81
N VAL A 236 0.45 -0.57 2.88
CA VAL A 236 0.27 0.46 3.91
C VAL A 236 1.66 1.04 4.26
N LEU A 237 1.67 2.34 4.53
CA LEU A 237 2.92 3.06 4.72
C LEU A 237 2.84 3.90 5.98
N LEU A 238 4.00 4.00 6.63
CA LEU A 238 4.14 4.77 7.83
C LEU A 238 5.31 5.70 7.63
N VAL A 239 5.10 6.98 7.87
CA VAL A 239 6.14 7.97 7.64
C VAL A 239 6.20 8.91 8.84
N ARG A 240 7.41 9.19 9.32
CA ARG A 240 7.59 10.14 10.40
C ARG A 240 8.05 11.49 9.87
N ALA A 241 7.54 12.56 10.45
CA ALA A 241 7.68 13.86 9.82
C ALA A 241 8.32 14.90 10.72
N GLN A 242 8.78 15.98 10.08
CA GLN A 242 9.26 17.17 10.76
C GLN A 242 10.61 16.92 11.36
N SER A 243 11.29 18.00 11.74
CA SER A 243 12.51 17.97 12.55
C SER A 243 13.71 17.18 12.01
N GLY A 244 14.18 17.58 10.82
CA GLY A 244 15.26 16.88 10.12
C GLY A 244 14.75 15.76 9.24
N LEU A 245 13.43 15.62 9.17
CA LEU A 245 12.75 14.63 8.34
C LEU A 245 11.74 15.47 7.59
N PRO A 246 11.25 14.99 6.42
CA PRO A 246 10.35 15.82 5.63
C PRO A 246 9.24 16.45 6.47
N ALA A 247 8.97 17.72 6.19
CA ALA A 247 7.80 18.38 6.78
C ALA A 247 6.60 17.53 6.42
N VAL A 248 5.52 17.67 7.19
CA VAL A 248 4.27 16.97 6.89
C VAL A 248 3.79 17.30 5.48
N GLY A 249 3.94 18.55 5.06
CA GLY A 249 3.48 18.96 3.73
C GLY A 249 4.41 18.59 2.58
N GLU A 250 5.69 18.34 2.87
CA GLU A 250 6.58 17.81 1.87
C GLU A 250 6.22 16.35 1.62
N VAL A 251 5.73 15.69 2.66
CA VAL A 251 5.25 14.32 2.53
C VAL A 251 3.95 14.33 1.76
N LEU A 252 3.09 15.30 2.04
CA LEU A 252 1.81 15.32 1.35
C LEU A 252 1.98 15.73 -0.12
N GLU A 253 3.04 16.50 -0.38
CA GLU A 253 3.34 16.96 -1.74
C GLU A 253 3.77 15.82 -2.61
N ALA A 254 4.49 14.85 -2.04
CA ALA A 254 4.94 13.66 -2.76
C ALA A 254 3.77 12.91 -3.44
N PHE A 255 2.53 13.32 -3.13
CA PHE A 255 1.30 12.60 -3.57
C PHE A 255 0.41 13.53 -4.39
N ALA A 256 0.87 14.76 -4.60
CA ALA A 256 0.13 15.82 -5.29
C ALA A 256 0.00 15.56 -6.78
N HIS A 257 0.67 14.53 -7.26
CA HIS A 257 0.53 14.21 -8.66
C HIS A 257 0.09 12.76 -8.78
N PRO A 258 -1.13 12.52 -9.28
CA PRO A 258 -1.66 11.17 -9.25
C PRO A 258 -0.97 10.26 -10.25
N HIS A 259 0.27 9.84 -9.95
CA HIS A 259 1.07 9.01 -10.89
C HIS A 259 0.35 7.71 -11.20
N LEU A 260 0.72 7.00 -12.26
CA LEU A 260 0.02 5.76 -12.58
C LEU A 260 0.57 4.59 -11.79
N VAL A 261 -0.31 3.77 -11.23
CA VAL A 261 0.15 2.61 -10.46
C VAL A 261 -0.43 1.33 -11.02
N HIS A 262 0.24 0.20 -10.77
CA HIS A 262 -0.28 -1.11 -11.22
C HIS A 262 -1.32 -1.66 -10.28
N GLY A 263 -2.38 -2.23 -10.86
CA GLY A 263 -3.40 -2.89 -10.08
C GLY A 263 -4.76 -2.63 -10.65
N TRP A 264 -5.48 -1.68 -10.08
CA TRP A 264 -6.84 -1.39 -10.51
C TRP A 264 -7.54 -2.72 -10.69
N MET A 265 -8.27 -2.83 -11.79
CA MET A 265 -9.23 -3.89 -11.99
C MET A 265 -8.59 -5.19 -12.34
N ARG A 266 -8.85 -6.18 -11.48
CA ARG A 266 -8.31 -7.54 -11.60
C ARG A 266 -6.80 -7.65 -11.44
N GLY A 267 -6.22 -6.64 -10.78
CA GLY A 267 -4.78 -6.58 -10.53
C GLY A 267 -3.96 -6.60 -11.80
N SER A 268 -4.55 -6.11 -12.88
CA SER A 268 -3.99 -6.30 -14.21
C SER A 268 -3.95 -5.06 -15.11
N HIS A 269 -4.21 -3.89 -14.51
CA HIS A 269 -4.27 -2.66 -15.29
C HIS A 269 -3.52 -1.60 -14.55
N ALA A 270 -3.34 -0.44 -15.17
CA ALA A 270 -2.70 0.72 -14.55
C ALA A 270 -3.64 1.92 -14.65
N GLY A 271 -3.69 2.72 -13.60
CA GLY A 271 -4.55 3.90 -13.55
C GLY A 271 -3.99 4.87 -12.52
N PRO A 272 -4.58 6.05 -12.45
CA PRO A 272 -3.99 7.08 -11.60
C PRO A 272 -4.22 6.81 -10.11
N LEU A 273 -3.23 7.11 -9.27
CA LEU A 273 -3.39 7.05 -7.82
C LEU A 273 -4.09 8.29 -7.28
N MET A 274 -5.38 8.17 -7.04
CA MET A 274 -6.16 9.28 -6.52
C MET A 274 -6.04 9.49 -4.99
N PRO A 275 -5.52 10.65 -4.55
CA PRO A 275 -5.49 10.83 -3.09
C PRO A 275 -6.87 11.24 -2.58
N ALA A 276 -7.54 10.32 -1.87
CA ALA A 276 -8.93 10.49 -1.49
C ALA A 276 -9.15 10.98 -0.05
N ARG A 277 -10.33 11.56 0.19
CA ARG A 277 -10.75 11.90 1.54
C ARG A 277 -11.35 10.69 2.21
N PHE A 278 -11.37 10.69 3.54
CA PHE A 278 -12.17 9.71 4.27
C PHE A 278 -13.61 10.12 4.26
N ILE A 279 -14.53 9.16 4.27
CA ILE A 279 -15.96 9.49 4.35
C ILE A 279 -16.36 10.04 5.74
N SER A 280 -15.71 9.53 6.80
CA SER A 280 -15.87 10.02 8.18
C SER A 280 -14.68 9.58 9.03
N VAL A 281 -14.32 10.42 9.99
CA VAL A 281 -13.22 10.17 10.91
C VAL A 281 -13.80 10.38 12.31
N ASP A 282 -13.87 9.32 13.11
CA ASP A 282 -14.37 9.41 14.46
C ASP A 282 -13.27 9.07 15.51
N PRO A 283 -12.45 10.08 15.91
CA PRO A 283 -11.32 9.82 16.82
C PRO A 283 -11.77 9.37 18.19
N GLU A 284 -13.03 9.61 18.54
CA GLU A 284 -13.50 9.15 19.82
C GLU A 284 -13.73 7.66 19.82
N ARG A 285 -14.39 7.13 18.79
CA ARG A 285 -14.50 5.66 18.65
C ARG A 285 -13.32 4.95 17.95
N ARG A 286 -12.32 5.71 17.51
CA ARG A 286 -11.05 5.20 16.92
C ARG A 286 -11.25 4.42 15.61
N ILE A 287 -12.08 4.97 14.73
CA ILE A 287 -12.49 4.35 13.47
C ILE A 287 -12.51 5.44 12.40
N ALA A 288 -12.18 5.09 11.16
CA ALA A 288 -12.41 5.98 10.05
C ALA A 288 -12.85 5.13 8.89
N ILE A 289 -13.83 5.61 8.14
CA ILE A 289 -14.32 4.90 6.98
C ILE A 289 -13.75 5.59 5.77
N GLY A 290 -12.95 4.86 4.98
CA GLY A 290 -12.36 5.41 3.78
C GLY A 290 -13.27 5.39 2.56
N PRO A 291 -12.72 5.76 1.39
CA PRO A 291 -13.44 5.84 0.13
C PRO A 291 -13.85 4.49 -0.41
N LYS A 292 -14.86 4.50 -1.28
CA LYS A 292 -15.22 3.33 -2.04
C LYS A 292 -14.45 3.29 -3.36
N MET A 293 -14.44 2.11 -3.98
CA MET A 293 -13.85 1.89 -5.27
C MET A 293 -14.99 1.57 -6.19
N THR A 294 -15.09 2.29 -7.30
CA THR A 294 -16.31 2.21 -8.11
C THR A 294 -15.99 1.89 -9.55
N ARG A 295 -15.80 2.92 -10.38
CA ARG A 295 -15.60 2.67 -11.80
C ARG A 295 -14.38 1.78 -12.07
N PHE A 296 -14.64 0.68 -12.76
CA PHE A 296 -13.61 -0.30 -13.04
C PHE A 296 -12.89 -0.83 -11.80
N ASP A 297 -13.51 -0.72 -10.61
CA ASP A 297 -12.88 -1.11 -9.32
C ASP A 297 -11.74 -0.20 -8.90
N GLY A 298 -11.98 1.10 -8.99
CA GLY A 298 -11.07 2.10 -8.50
C GLY A 298 -11.69 3.41 -8.92
N PRO A 299 -10.87 4.33 -9.47
CA PRO A 299 -9.44 4.08 -9.76
C PRO A 299 -8.74 3.76 -8.44
N PRO A 300 -7.43 3.44 -8.47
CA PRO A 300 -6.73 3.16 -7.24
C PRO A 300 -6.65 4.40 -6.33
N LYS A 301 -6.61 4.20 -5.02
CA LYS A 301 -6.66 5.32 -4.08
C LYS A 301 -5.80 5.11 -2.86
N VAL A 302 -5.32 6.22 -2.32
CA VAL A 302 -4.54 6.24 -1.10
C VAL A 302 -5.21 7.20 -0.13
N GLY A 303 -5.19 6.87 1.16
CA GLY A 303 -5.73 7.78 2.16
C GLY A 303 -4.62 8.12 3.13
N ALA A 304 -4.73 9.27 3.80
CA ALA A 304 -3.68 9.67 4.71
C ALA A 304 -4.24 10.14 6.03
N LEU A 305 -3.80 9.56 7.15
CA LEU A 305 -4.19 10.04 8.47
C LEU A 305 -2.93 10.40 9.21
N GLY A 306 -2.94 11.59 9.80
CA GLY A 306 -1.82 12.09 10.57
C GLY A 306 -2.18 12.00 12.03
N PHE A 307 -1.17 11.73 12.85
CA PHE A 307 -1.30 11.71 14.28
C PHE A 307 -0.13 12.42 14.93
N GLN A 308 -0.34 12.81 16.18
CA GLN A 308 0.72 13.20 17.09
C GLN A 308 0.74 12.14 18.17
N LEU A 309 1.89 11.51 18.36
CA LEU A 309 2.08 10.56 19.46
C LEU A 309 2.59 11.27 20.72
N HIS A 310 1.96 10.93 21.85
CA HIS A 310 2.48 11.27 23.17
C HIS A 310 2.42 10.04 24.06
N GLU A 311 3.57 9.67 24.62
CA GLU A 311 3.66 8.53 25.53
C GLU A 311 3.03 7.28 24.89
N GLY A 312 3.10 7.22 23.55
CA GLY A 312 2.57 6.09 22.77
C GLY A 312 1.13 6.22 22.36
N TYR A 313 0.41 7.14 22.99
CA TYR A 313 -0.99 7.44 22.69
C TYR A 313 -1.07 8.08 21.34
N LEU A 314 -2.10 7.73 20.59
CA LEU A 314 -2.23 8.21 19.23
C LEU A 314 -3.24 9.32 19.20
N GLU A 315 -2.79 10.58 19.12
CA GLU A 315 -3.73 11.69 19.01
C GLU A 315 -3.99 11.95 17.55
N GLY A 316 -5.25 11.82 17.14
CA GLY A 316 -5.65 11.84 15.72
C GLY A 316 -6.77 10.83 15.44
N GLY A 317 -6.96 10.47 14.17
CA GLY A 317 -6.16 10.98 13.08
C GLY A 317 -6.84 12.07 12.30
N VAL A 318 -6.03 12.84 11.61
CA VAL A 318 -6.50 13.92 10.73
C VAL A 318 -6.39 13.49 9.27
N ASP A 319 -7.50 13.62 8.56
CA ASP A 319 -7.55 13.36 7.12
C ASP A 319 -6.74 14.41 6.35
N LEU A 320 -5.57 14.05 5.87
CA LEU A 320 -4.66 15.04 5.38
C LEU A 320 -4.81 15.32 3.89
N PHE A 321 -5.77 14.66 3.25
CA PHE A 321 -6.08 14.95 1.83
C PHE A 321 -7.36 15.74 1.73
N ASP A 322 -7.73 16.35 2.85
CA ASP A 322 -8.97 17.11 2.99
C ASP A 322 -8.64 18.61 2.89
N ASP A 323 -8.61 19.12 1.67
CA ASP A 323 -8.18 20.48 1.37
C ASP A 323 -8.53 20.72 -0.08
N PRO A 324 -9.19 21.85 -0.39
CA PRO A 324 -9.48 22.17 -1.79
C PRO A 324 -8.29 21.97 -2.78
N ALA A 325 -7.06 22.28 -2.36
CA ALA A 325 -5.88 22.05 -3.19
C ALA A 325 -5.81 20.64 -3.72
N PHE A 326 -6.22 19.65 -2.93
CA PHE A 326 -6.26 18.27 -3.39
C PHE A 326 -7.48 17.92 -4.27
N ASP A 327 -8.35 18.88 -4.54
CA ASP A 327 -9.51 18.61 -5.36
C ASP A 327 -9.11 18.69 -6.80
N TYR A 328 -8.17 19.59 -7.06
CA TYR A 328 -7.57 19.72 -8.37
C TYR A 328 -6.89 18.39 -8.76
N VAL A 329 -6.01 17.91 -7.88
CA VAL A 329 -5.38 16.59 -8.01
C VAL A 329 -6.44 15.52 -8.27
N ARG A 330 -7.48 15.46 -7.43
CA ARG A 330 -8.59 14.50 -7.61
C ARG A 330 -9.31 14.63 -8.97
N GLN A 331 -9.53 15.88 -9.44
CA GLN A 331 -10.12 16.14 -10.77
C GLN A 331 -9.22 15.61 -11.87
N THR A 332 -7.91 15.86 -11.75
CA THR A 332 -6.91 15.32 -12.69
C THR A 332 -7.00 13.78 -12.75
N ALA A 333 -6.91 13.14 -11.60
CA ALA A 333 -6.97 11.70 -11.55
C ALA A 333 -8.28 11.16 -12.17
N ALA A 334 -9.43 11.80 -11.90
CA ALA A 334 -10.70 11.37 -12.50
C ALA A 334 -10.60 11.38 -14.01
N GLN A 335 -10.04 12.48 -14.54
CA GLN A 335 -9.91 12.67 -15.98
C GLN A 335 -8.93 11.73 -16.65
N ILE A 336 -7.90 11.27 -15.93
CA ILE A 336 -6.91 10.36 -16.50
C ILE A 336 -7.48 8.96 -16.49
N ALA A 337 -8.16 8.65 -15.39
CA ALA A 337 -8.83 7.38 -15.27
C ALA A 337 -9.77 7.23 -16.48
N ASP A 338 -10.29 8.36 -16.96
CA ASP A 338 -11.22 8.30 -18.07
C ASP A 338 -10.53 8.19 -19.41
N TYR A 339 -9.49 9.00 -19.61
CA TYR A 339 -8.69 8.89 -20.80
C TYR A 339 -8.13 7.46 -20.98
N ILE A 340 -7.36 6.99 -20.01
CA ILE A 340 -6.64 5.72 -20.09
C ILE A 340 -7.52 4.49 -20.24
N ARG A 341 -8.79 4.60 -19.88
CA ARG A 341 -9.67 3.44 -19.87
C ARG A 341 -10.20 3.13 -21.24
N ARG A 342 -10.19 4.15 -22.10
CA ARG A 342 -10.65 4.03 -23.47
C ARG A 342 -9.72 3.13 -24.26
N MET A 343 -8.58 2.81 -23.64
CA MET A 343 -7.61 1.86 -24.17
C MET A 343 -7.99 0.39 -24.08
N GLY A 344 -9.00 0.06 -23.28
CA GLY A 344 -9.43 -1.32 -23.12
C GLY A 344 -8.30 -2.20 -22.68
N PRO A 345 -8.25 -3.43 -23.20
CA PRO A 345 -7.27 -4.45 -22.77
C PRO A 345 -5.85 -4.39 -23.43
N PHE A 346 -5.29 -3.20 -23.58
CA PHE A 346 -3.98 -3.04 -24.26
C PHE A 346 -2.88 -2.46 -23.38
N GLN A 347 -1.68 -3.00 -23.49
CA GLN A 347 -0.52 -2.36 -22.86
C GLN A 347 -0.34 -0.93 -23.41
N PRO A 348 0.01 0.04 -22.54
CA PRO A 348 0.25 -0.08 -21.10
C PRO A 348 -0.96 0.07 -20.13
N HIS A 349 -2.19 0.26 -20.61
CA HIS A 349 -3.33 0.30 -19.69
C HIS A 349 -3.42 -1.05 -18.96
N ARG A 350 -3.15 -2.11 -19.71
CA ARG A 350 -3.17 -3.45 -19.20
C ARG A 350 -1.72 -3.74 -18.87
N LEU A 351 -1.50 -4.44 -17.76
CA LEU A 351 -0.13 -4.74 -17.30
C LEU A 351 0.63 -5.66 -18.26
N PRO A 352 1.96 -5.67 -18.18
CA PRO A 352 2.75 -6.56 -19.00
C PRO A 352 2.48 -8.02 -18.71
N PRO A 353 2.73 -8.90 -19.69
CA PRO A 353 2.58 -10.31 -19.44
C PRO A 353 3.71 -10.73 -18.50
N GLU A 354 3.37 -10.98 -17.23
CA GLU A 354 4.25 -11.49 -16.17
C GLU A 354 3.54 -11.14 -14.88
N GLU A 355 2.89 -9.98 -14.89
CA GLU A 355 1.84 -9.59 -13.96
C GLU A 355 0.49 -10.20 -14.46
N MET A 356 0.47 -10.45 -15.77
CA MET A 356 -0.36 -11.46 -16.41
C MET A 356 0.53 -12.70 -16.53
N GLU A 357 0.02 -13.85 -16.11
CA GLU A 357 0.80 -15.07 -15.79
C GLU A 357 0.35 -15.48 -14.39
N TYR A 358 -0.17 -14.51 -13.64
CA TYR A 358 -0.71 -14.77 -12.32
C TYR A 358 -2.22 -14.77 -12.37
N THR A 359 -2.78 -14.19 -13.44
CA THR A 359 -4.21 -14.34 -13.80
C THR A 359 -4.39 -15.67 -14.55
N ALA A 360 -5.07 -15.63 -15.68
CA ALA A 360 -5.13 -16.78 -16.54
C ALA A 360 -5.37 -16.36 -17.98
N LEU A 361 -4.58 -15.43 -18.45
CA LEU A 361 -4.43 -15.27 -19.89
C LEU A 361 -3.73 -16.53 -20.47
N PRO A 362 -2.58 -16.99 -19.86
CA PRO A 362 -1.86 -18.15 -20.41
C PRO A 362 -2.78 -19.31 -20.79
N LYS A 363 -3.52 -19.89 -19.83
CA LYS A 363 -4.46 -21.00 -20.10
C LYS A 363 -5.02 -21.01 -21.53
N ILE A 364 -5.98 -20.11 -21.78
CA ILE A 364 -6.34 -19.60 -23.12
C ILE A 364 -5.13 -19.26 -24.03
N LEU A 365 -5.01 -19.95 -25.17
CA LEU A 365 -3.73 -20.23 -25.87
C LEU A 365 -3.54 -21.76 -25.75
N ALA A 366 -4.53 -22.39 -25.12
CA ALA A 366 -4.88 -23.78 -25.38
C ALA A 366 -5.59 -23.76 -26.73
N LYS A 367 -4.98 -23.02 -27.65
CA LYS A 367 -5.67 -22.45 -28.81
C LYS A 367 -5.30 -20.93 -28.90
N VAL A 368 -4.95 -20.44 -30.09
CA VAL A 368 -5.03 -21.16 -31.39
C VAL A 368 -3.89 -22.15 -31.66
N LYS A 369 -4.07 -22.96 -32.72
CA LYS A 369 -2.99 -23.62 -33.46
C LYS A 369 -2.08 -22.53 -34.01
N PRO A 370 -0.83 -22.47 -33.53
CA PRO A 370 0.13 -21.55 -34.14
C PRO A 370 0.91 -22.24 -35.24
N TYR A 371 1.03 -21.59 -36.39
CA TYR A 371 1.86 -22.09 -37.46
C TYR A 371 3.23 -21.47 -37.35
N PRO A 372 4.31 -22.27 -37.48
CA PRO A 372 5.62 -21.62 -37.49
C PRO A 372 5.76 -20.70 -38.73
N ALA A 373 6.43 -19.56 -38.57
CA ALA A 373 6.42 -18.49 -39.59
C ALA A 373 7.04 -18.89 -40.91
N ASP A 374 8.28 -19.40 -40.87
CA ASP A 374 9.02 -19.76 -42.09
C ASP A 374 8.14 -20.62 -43.03
N GLN A 375 7.35 -21.53 -42.48
CA GLN A 375 6.53 -22.40 -43.31
C GLN A 375 5.22 -21.75 -43.77
N TYR A 376 4.61 -20.94 -42.91
CA TYR A 376 3.36 -20.26 -43.22
C TYR A 376 3.56 -19.22 -44.34
N GLU A 377 4.77 -18.69 -44.42
CA GLU A 377 5.12 -17.64 -45.38
C GLU A 377 5.02 -18.05 -46.86
N LYS A 378 5.26 -19.32 -47.19
CA LYS A 378 5.04 -19.80 -48.57
C LYS A 378 3.66 -20.46 -48.75
N ASP A 379 2.74 -20.18 -47.81
CA ASP A 379 1.49 -20.93 -47.69
C ASP A 379 0.29 -20.06 -47.35
N ARG A 380 0.55 -18.82 -46.98
CA ARG A 380 -0.50 -17.85 -46.73
C ARG A 380 -1.74 -18.10 -47.60
N LYS A 381 -1.60 -18.13 -48.91
CA LYS A 381 -2.77 -18.15 -49.74
C LYS A 381 -3.72 -19.30 -49.52
N LYS A 382 -3.23 -20.52 -49.36
CA LYS A 382 -4.16 -21.62 -49.06
C LYS A 382 -4.65 -21.63 -47.61
N TYR A 383 -3.85 -21.07 -46.70
CA TYR A 383 -4.27 -21.02 -45.31
C TYR A 383 -5.47 -20.10 -45.12
N ILE A 384 -5.48 -18.98 -45.86
CA ILE A 384 -6.64 -18.08 -45.93
C ILE A 384 -7.78 -18.69 -46.75
N GLU A 385 -7.47 -19.22 -47.94
CA GLU A 385 -8.43 -20.01 -48.71
C GLU A 385 -9.21 -21.03 -47.84
N ALA A 386 -8.49 -21.76 -46.99
CA ALA A 386 -9.12 -22.60 -45.95
C ALA A 386 -10.18 -21.82 -45.16
N VAL A 387 -9.72 -21.00 -44.22
CA VAL A 387 -10.56 -20.15 -43.36
C VAL A 387 -11.77 -19.59 -44.08
N VAL A 388 -11.53 -18.98 -45.25
CA VAL A 388 -12.57 -18.36 -46.08
C VAL A 388 -13.68 -19.35 -46.48
N LYS A 389 -13.27 -20.58 -46.79
CA LYS A 389 -14.17 -21.68 -46.97
C LYS A 389 -13.95 -22.70 -45.88
MG MG B . -8.15 -4.56 -1.44
MG MG C . -11.13 -7.82 -2.18
P 13P D . -8.31 -6.10 -3.87
O1P 13P D . -6.82 -6.24 -4.10
O2P 13P D . -8.70 -4.73 -3.39
O3P 13P D . -8.99 -7.23 -3.12
O1 13P D . -8.89 -6.16 -5.38
C1 13P D . -8.79 -7.36 -6.15
C2 13P D . -9.12 -7.09 -7.59
O2 13P D . -8.32 -7.40 -8.45
C3 13P D . -10.44 -6.45 -7.93
O3 13P D . -10.49 -6.05 -9.30
P 13P E . -13.69 -12.48 -9.26
O1P 13P E . -15.16 -12.15 -9.40
O2P 13P E . -13.01 -13.01 -10.50
O3P 13P E . -13.30 -13.13 -7.95
O1 13P E . -13.06 -11.02 -9.16
C1 13P E . -13.36 -10.00 -10.11
C2 13P E . -12.76 -8.79 -9.44
O2 13P E . -13.45 -7.86 -9.08
C3 13P E . -11.28 -8.81 -9.17
O3 13P E . -10.70 -10.11 -9.39
#